data_6INX
#
_entry.id   6INX
#
_cell.length_a   92.890
_cell.length_b   76.300
_cell.length_c   61.440
_cell.angle_alpha   90.00
_cell.angle_beta   126.79
_cell.angle_gamma   90.00
#
_symmetry.space_group_name_H-M   'C 1 2 1'
#
loop_
_entity.id
_entity.type
_entity.pdbx_description
1 polymer N-acetylglucosaminidase
2 water water
#
_entity_poly.entity_id   1
_entity_poly.type   'polypeptide(L)'
_entity_poly.pdbx_seq_one_letter_code
;MSRNYVVAGYVSDRHLPELTKEELKKLTHINIAFGHVREDRIQTGHLQNLKLLPELKRENPDLTILLSVGGWSAGGFSEA
ASTEAGRQAMAESAVRAVTEYALDGVDLDWEYPCYAEAGIAASPDDKANFTLLLRTMREALDRQGERDGRHYWLTIAAGA
DQYYIDGTEMAEVQRYLDFVQLMTYDMRGGFQTLTGHHTNLYTGTGDLFRISVDASVNLFVRAGVPKEKIVIGAAFYSRM
WKDVPNVNRGLYQMSPGSGGYGPDFTELAAEYIDRNGFVRYWDEEAKAPYLFDGQTFISYDDEMSIRYKCDYVKAQELAG
VMFWEYGCDRTHRLLDALYQGLQSS
;
_entity_poly.pdbx_strand_id   A
#
# COMPACT_ATOMS: atom_id res chain seq x y z
N ASN A 4 -12.98 12.90 10.54
CA ASN A 4 -12.98 12.00 9.39
C ASN A 4 -11.58 11.48 9.12
N TYR A 5 -11.50 10.22 8.69
CA TYR A 5 -10.23 9.58 8.40
C TYR A 5 -10.30 8.97 7.01
N VAL A 6 -9.13 8.79 6.41
CA VAL A 6 -9.02 8.07 5.14
C VAL A 6 -9.26 6.60 5.39
N VAL A 7 -10.15 5.99 4.62
CA VAL A 7 -10.32 4.55 4.54
C VAL A 7 -10.15 4.20 3.06
N ALA A 8 -8.94 3.80 2.68
CA ALA A 8 -8.58 3.68 1.27
C ALA A 8 -8.31 2.21 0.94
N GLY A 9 -8.99 1.71 -0.07
CA GLY A 9 -8.80 0.32 -0.46
C GLY A 9 -8.19 0.19 -1.84
N TYR A 10 -7.14 -0.61 -1.96
CA TYR A 10 -6.69 -1.05 -3.27
C TYR A 10 -7.68 -2.06 -3.82
N VAL A 11 -8.14 -1.82 -5.05
CA VAL A 11 -9.04 -2.72 -5.75
C VAL A 11 -8.45 -2.98 -7.13
N SER A 12 -8.16 -4.24 -7.44
CA SER A 12 -7.74 -4.55 -8.80
C SER A 12 -8.86 -4.23 -9.78
N ASP A 13 -8.46 -3.84 -11.00
CA ASP A 13 -9.46 -3.57 -12.03
C ASP A 13 -10.42 -4.74 -12.20
N ARG A 14 -9.88 -5.96 -12.09
CA ARG A 14 -10.69 -7.16 -12.24
C ARG A 14 -11.77 -7.27 -11.15
N HIS A 15 -11.55 -6.66 -9.99
CA HIS A 15 -12.49 -6.76 -8.87
C HIS A 15 -13.48 -5.61 -8.79
N LEU A 16 -13.34 -4.59 -9.64
CA LEU A 16 -14.28 -3.46 -9.61
C LEU A 16 -15.74 -3.88 -9.67
N PRO A 17 -16.16 -4.82 -10.53
CA PRO A 17 -17.59 -5.19 -10.55
C PRO A 17 -18.09 -5.83 -9.27
N GLU A 18 -17.20 -6.33 -8.41
CA GLU A 18 -17.63 -6.94 -7.17
C GLU A 18 -18.00 -5.92 -6.10
N LEU A 19 -17.67 -4.65 -6.28
CA LEU A 19 -17.97 -3.64 -5.28
C LEU A 19 -19.48 -3.44 -5.18
N THR A 20 -20.00 -3.50 -3.95
CA THR A 20 -21.40 -3.27 -3.67
C THR A 20 -21.58 -1.90 -3.06
N LYS A 21 -22.83 -1.41 -3.07
CA LYS A 21 -23.10 -0.09 -2.50
C LYS A 21 -22.72 -0.04 -1.02
N GLU A 22 -23.03 -1.10 -0.27
CA GLU A 22 -22.71 -1.10 1.16
C GLU A 22 -21.20 -0.99 1.39
N GLU A 23 -20.40 -1.68 0.58
CA GLU A 23 -18.95 -1.58 0.71
C GLU A 23 -18.45 -0.20 0.28
N LEU A 24 -19.01 0.34 -0.81
CA LEU A 24 -18.57 1.64 -1.31
C LEU A 24 -18.79 2.73 -0.28
N LYS A 25 -19.85 2.63 0.52
CA LYS A 25 -20.13 3.66 1.50
C LYS A 25 -19.18 3.61 2.68
N LYS A 26 -18.45 2.51 2.85
CA LYS A 26 -17.47 2.39 3.92
C LYS A 26 -16.10 2.92 3.55
N LEU A 27 -15.85 3.14 2.27
CA LEU A 27 -14.56 3.62 1.79
C LEU A 27 -14.62 5.12 1.54
N THR A 28 -13.49 5.79 1.77
CA THR A 28 -13.32 7.16 1.29
C THR A 28 -12.57 7.22 -0.02
N HIS A 29 -11.72 6.23 -0.28
CA HIS A 29 -10.90 6.21 -1.48
C HIS A 29 -10.81 4.79 -2.00
N ILE A 30 -10.76 4.65 -3.32
CA ILE A 30 -10.39 3.41 -3.97
C ILE A 30 -9.15 3.70 -4.82
N ASN A 31 -8.14 2.83 -4.71
CA ASN A 31 -6.95 2.87 -5.56
C ASN A 31 -7.05 1.73 -6.57
N ILE A 32 -7.21 2.05 -7.85
CA ILE A 32 -7.40 1.02 -8.86
C ILE A 32 -6.03 0.49 -9.31
N ALA A 33 -5.82 -0.82 -9.18
CA ALA A 33 -4.53 -1.44 -9.49
C ALA A 33 -4.64 -2.26 -10.77
N PHE A 34 -3.78 -1.99 -11.76
CA PHE A 34 -2.76 -0.93 -11.79
C PHE A 34 -2.66 -0.44 -13.23
N GLY A 35 -2.46 0.85 -13.44
CA GLY A 35 -1.89 1.31 -14.69
C GLY A 35 -0.41 0.98 -14.77
N HIS A 36 0.11 0.96 -16.00
CA HIS A 36 1.53 0.67 -16.24
C HIS A 36 2.17 1.83 -16.98
N VAL A 37 3.50 1.82 -17.06
CA VAL A 37 4.28 2.85 -17.74
C VAL A 37 4.92 2.23 -18.97
N ARG A 38 4.64 2.81 -20.13
CA ARG A 38 5.31 2.44 -21.38
C ARG A 38 5.55 3.71 -22.16
N GLU A 39 6.75 3.83 -22.75
CA GLU A 39 7.11 5.01 -23.53
C GLU A 39 6.94 6.29 -22.71
N ASP A 40 7.29 6.19 -21.43
CA ASP A 40 7.26 7.32 -20.50
C ASP A 40 5.85 7.81 -20.19
N ARG A 41 4.82 7.02 -20.49
CA ARG A 41 3.44 7.44 -20.29
C ARG A 41 2.63 6.38 -19.55
N ILE A 42 1.72 6.86 -18.70
CA ILE A 42 0.76 5.98 -18.02
C ILE A 42 -0.16 5.34 -19.05
N GLN A 43 -0.27 4.02 -18.99
CA GLN A 43 -1.08 3.23 -19.92
C GLN A 43 -2.28 2.65 -19.18
N THR A 44 -3.47 2.80 -19.77
CA THR A 44 -4.70 2.25 -19.21
C THR A 44 -5.39 1.25 -20.12
N GLY A 45 -4.85 0.97 -21.31
CA GLY A 45 -5.56 0.17 -22.30
C GLY A 45 -5.79 -1.27 -21.90
N HIS A 46 -5.00 -1.79 -20.97
CA HIS A 46 -5.19 -3.16 -20.51
C HIS A 46 -6.28 -3.28 -19.44
N LEU A 47 -6.71 -2.16 -18.86
CA LEU A 47 -7.72 -2.21 -17.80
C LEU A 47 -9.11 -2.31 -18.41
N GLN A 48 -9.97 -3.11 -17.79
CA GLN A 48 -11.20 -3.54 -18.43
C GLN A 48 -12.48 -2.90 -17.90
N ASN A 49 -12.50 -2.45 -16.64
CA ASN A 49 -13.76 -2.07 -16.01
C ASN A 49 -13.85 -0.57 -15.70
N LEU A 50 -13.07 0.26 -16.38
CA LEU A 50 -13.05 1.68 -16.07
C LEU A 50 -14.36 2.38 -16.42
N LYS A 51 -15.18 1.79 -17.29
CA LYS A 51 -16.49 2.36 -17.60
C LYS A 51 -17.47 2.25 -16.44
N LEU A 52 -17.15 1.44 -15.43
CA LEU A 52 -18.00 1.29 -14.25
C LEU A 52 -17.87 2.45 -13.27
N LEU A 53 -16.86 3.30 -13.43
CA LEU A 53 -16.58 4.30 -12.41
C LEU A 53 -17.70 5.30 -12.16
N PRO A 54 -18.38 5.87 -13.18
CA PRO A 54 -19.49 6.78 -12.87
C PRO A 54 -20.55 6.18 -11.97
N GLU A 55 -20.89 4.89 -12.15
CA GLU A 55 -21.89 4.27 -11.29
C GLU A 55 -21.38 4.11 -9.87
N LEU A 56 -20.10 3.79 -9.71
CA LEU A 56 -19.55 3.71 -8.37
C LEU A 56 -19.62 5.05 -7.66
N LYS A 57 -19.29 6.13 -8.38
CA LYS A 57 -19.37 7.46 -7.81
C LYS A 57 -20.80 7.86 -7.50
N ARG A 58 -21.76 7.41 -8.34
CA ARG A 58 -23.16 7.69 -8.06
C ARG A 58 -23.60 7.02 -6.77
N GLU A 59 -23.11 5.80 -6.51
CA GLU A 59 -23.50 5.07 -5.30
C GLU A 59 -22.91 5.69 -4.04
N ASN A 60 -21.70 6.27 -4.11
CA ASN A 60 -21.13 7.03 -3.01
C ASN A 60 -20.49 8.28 -3.56
N PRO A 61 -21.22 9.40 -3.60
CA PRO A 61 -20.65 10.63 -4.19
C PRO A 61 -19.48 11.22 -3.41
N ASP A 62 -19.22 10.76 -2.19
CA ASP A 62 -18.07 11.21 -1.42
C ASP A 62 -16.81 10.41 -1.70
N LEU A 63 -16.90 9.39 -2.54
CA LEU A 63 -15.77 8.50 -2.80
C LEU A 63 -14.79 9.14 -3.78
N THR A 64 -13.50 9.07 -3.48
CA THR A 64 -12.44 9.52 -4.36
C THR A 64 -11.81 8.28 -5.01
N ILE A 65 -11.74 8.27 -6.35
CA ILE A 65 -11.27 7.12 -7.10
C ILE A 65 -9.96 7.49 -7.78
N LEU A 66 -8.87 6.83 -7.36
CA LEU A 66 -7.55 7.08 -7.91
C LEU A 66 -7.11 5.91 -8.81
N LEU A 67 -6.34 6.23 -9.83
CA LEU A 67 -5.68 5.20 -10.61
C LEU A 67 -4.28 4.99 -10.03
N SER A 68 -4.02 3.78 -9.52
CA SER A 68 -2.68 3.47 -9.04
C SER A 68 -1.83 3.03 -10.22
N VAL A 69 -0.62 3.57 -10.32
CA VAL A 69 0.26 3.33 -11.46
C VAL A 69 1.51 2.68 -10.93
N GLY A 70 1.81 1.46 -11.40
CA GLY A 70 3.03 0.79 -11.00
C GLY A 70 2.75 -0.53 -10.33
N GLY A 71 3.24 -0.68 -9.10
CA GLY A 71 3.20 -1.95 -8.40
C GLY A 71 4.54 -2.66 -8.48
N TRP A 72 4.66 -3.72 -7.68
CA TRP A 72 5.93 -4.45 -7.63
C TRP A 72 6.27 -5.04 -8.99
N SER A 73 7.47 -4.73 -9.47
CA SER A 73 8.05 -5.18 -10.73
C SER A 73 7.57 -4.42 -11.95
N ALA A 74 6.77 -3.37 -11.77
CA ALA A 74 6.34 -2.55 -12.88
C ALA A 74 7.43 -1.54 -13.20
N GLY A 75 7.99 -1.61 -14.41
CA GLY A 75 9.12 -0.80 -14.78
C GLY A 75 8.71 0.48 -15.49
N GLY A 76 9.73 1.20 -15.96
CA GLY A 76 9.55 2.40 -16.74
C GLY A 76 9.67 3.70 -15.96
N PHE A 77 9.71 3.65 -14.63
CA PHE A 77 9.68 4.87 -13.83
C PHE A 77 11.02 5.59 -13.83
N SER A 78 12.10 4.87 -13.52
CA SER A 78 13.41 5.54 -13.52
C SER A 78 13.71 6.13 -14.90
N GLU A 79 13.35 5.40 -15.95
CA GLU A 79 13.52 5.89 -17.32
C GLU A 79 12.73 7.18 -17.56
N ALA A 80 11.44 7.16 -17.22
CA ALA A 80 10.60 8.34 -17.45
C ALA A 80 11.07 9.51 -16.60
N ALA A 81 11.44 9.25 -15.34
CA ALA A 81 11.82 10.36 -14.48
C ALA A 81 13.17 10.96 -14.84
N SER A 82 13.97 10.28 -15.67
CA SER A 82 15.34 10.67 -15.93
C SER A 82 15.48 11.85 -16.88
N THR A 83 14.42 12.23 -17.59
CA THR A 83 14.48 13.36 -18.52
C THR A 83 13.30 14.28 -18.29
N GLU A 84 13.49 15.55 -18.63
CA GLU A 84 12.37 16.49 -18.59
C GLU A 84 11.25 16.02 -19.52
N ALA A 85 11.60 15.48 -20.68
CA ALA A 85 10.59 15.00 -21.61
C ALA A 85 9.76 13.87 -20.99
N GLY A 86 10.42 12.93 -20.32
CA GLY A 86 9.69 11.83 -19.72
C GLY A 86 8.83 12.25 -18.54
N ARG A 87 9.30 13.24 -17.76
CA ARG A 87 8.47 13.76 -16.67
C ARG A 87 7.24 14.48 -17.21
N GLN A 88 7.42 15.25 -18.29
CA GLN A 88 6.26 15.88 -18.94
C GLN A 88 5.32 14.83 -19.52
N ALA A 89 5.87 13.76 -20.11
CA ALA A 89 5.01 12.73 -20.68
C ALA A 89 4.17 12.06 -19.61
N MET A 90 4.78 11.75 -18.46
CA MET A 90 4.03 11.16 -17.35
C MET A 90 2.92 12.10 -16.90
N ALA A 91 3.24 13.39 -16.79
CA ALA A 91 2.23 14.36 -16.36
C ALA A 91 1.10 14.45 -17.36
N GLU A 92 1.45 14.53 -18.66
CA GLU A 92 0.41 14.57 -19.68
C GLU A 92 -0.48 13.33 -19.63
N SER A 93 0.12 12.15 -19.40
CA SER A 93 -0.67 10.93 -19.41
C SER A 93 -1.54 10.81 -18.16
N ALA A 94 -1.13 11.44 -17.06
CA ALA A 94 -2.00 11.50 -15.88
C ALA A 94 -3.23 12.34 -16.19
N VAL A 95 -3.01 13.47 -16.88
CA VAL A 95 -4.13 14.32 -17.28
C VAL A 95 -5.04 13.56 -18.24
N ARG A 96 -4.45 12.79 -19.17
CA ARG A 96 -5.26 11.96 -20.06
C ARG A 96 -6.14 10.99 -19.28
N ALA A 97 -5.59 10.36 -18.25
CA ALA A 97 -6.36 9.40 -17.48
C ALA A 97 -7.58 10.05 -16.84
N VAL A 98 -7.39 11.22 -16.22
CA VAL A 98 -8.50 11.86 -15.50
C VAL A 98 -9.50 12.55 -16.41
N THR A 99 -9.18 12.74 -17.69
CA THR A 99 -10.15 13.30 -18.62
C THR A 99 -10.84 12.24 -19.47
N GLU A 100 -10.21 11.09 -19.67
CA GLU A 100 -10.80 9.98 -20.41
C GLU A 100 -11.77 9.17 -19.55
N TYR A 101 -11.54 9.13 -18.25
CA TYR A 101 -12.32 8.31 -17.34
C TYR A 101 -12.70 9.10 -16.11
N ALA A 102 -13.63 8.55 -15.33
CA ALA A 102 -14.12 9.22 -14.13
C ALA A 102 -13.16 8.98 -12.98
N LEU A 103 -11.90 9.32 -13.20
CA LEU A 103 -10.85 9.19 -12.19
C LEU A 103 -10.63 10.54 -11.53
N ASP A 104 -10.40 10.52 -10.22
CA ASP A 104 -10.17 11.74 -9.46
C ASP A 104 -8.69 12.07 -9.30
N GLY A 105 -7.80 11.18 -9.72
CA GLY A 105 -6.39 11.47 -9.62
C GLY A 105 -5.58 10.20 -9.80
N VAL A 106 -4.31 10.31 -9.44
CA VAL A 106 -3.32 9.26 -9.67
C VAL A 106 -2.59 8.97 -8.37
N ASP A 107 -2.41 7.70 -8.08
CA ASP A 107 -1.56 7.24 -6.99
C ASP A 107 -0.34 6.58 -7.62
N LEU A 108 0.84 7.17 -7.43
CA LEU A 108 2.05 6.63 -8.05
C LEU A 108 2.68 5.59 -7.13
N ASP A 109 2.89 4.37 -7.67
CA ASP A 109 3.42 3.26 -6.90
C ASP A 109 4.71 2.75 -7.54
N TRP A 110 5.72 3.60 -7.62
CA TRP A 110 7.05 3.22 -8.09
C TRP A 110 7.80 2.55 -6.94
N GLU A 111 8.19 1.30 -7.13
CA GLU A 111 8.78 0.52 -6.04
C GLU A 111 10.19 0.09 -6.46
N TYR A 112 11.20 0.92 -6.22
CA TYR A 112 11.11 2.22 -5.52
C TYR A 112 12.22 3.09 -6.12
N PRO A 113 12.13 4.42 -5.99
CA PRO A 113 13.21 5.27 -6.50
C PRO A 113 14.55 4.86 -5.91
N CYS A 114 15.54 4.63 -6.79
CA CYS A 114 16.92 4.22 -6.51
C CYS A 114 17.10 2.72 -6.36
N TYR A 115 16.02 1.94 -6.37
CA TYR A 115 16.08 0.51 -6.05
C TYR A 115 15.61 -0.32 -7.24
N ALA A 116 16.46 -1.25 -7.67
CA ALA A 116 16.17 -2.09 -8.83
C ALA A 116 15.80 -3.52 -8.44
N GLU A 117 15.61 -3.78 -7.14
CA GLU A 117 15.43 -5.13 -6.64
C GLU A 117 14.21 -5.83 -7.23
N ALA A 118 13.22 -5.08 -7.69
CA ALA A 118 12.03 -5.69 -8.28
C ALA A 118 12.23 -6.09 -9.74
N GLY A 119 13.44 -5.91 -10.27
CA GLY A 119 13.69 -6.22 -11.66
C GLY A 119 13.38 -5.08 -12.60
N ILE A 120 13.51 -3.84 -12.12
CA ILE A 120 13.22 -2.65 -12.90
C ILE A 120 14.49 -1.80 -12.93
N ALA A 121 14.52 -0.84 -13.84
CA ALA A 121 15.66 0.07 -13.87
C ALA A 121 15.67 1.00 -12.67
N ALA A 122 16.87 1.41 -12.26
CA ALA A 122 17.04 2.35 -11.16
C ALA A 122 18.36 3.08 -11.32
N SER A 123 18.47 4.20 -10.61
CA SER A 123 19.66 5.04 -10.69
C SER A 123 19.74 5.86 -9.41
N PRO A 124 20.94 6.18 -8.93
CA PRO A 124 21.04 7.16 -7.84
C PRO A 124 20.37 8.48 -8.17
N ASP A 125 20.28 8.82 -9.46
CA ASP A 125 19.60 10.05 -9.87
C ASP A 125 18.11 10.02 -9.55
N ASP A 126 17.55 8.84 -9.26
CA ASP A 126 16.11 8.75 -8.97
C ASP A 126 15.73 9.58 -7.75
N LYS A 127 16.66 9.77 -6.81
CA LYS A 127 16.33 10.51 -5.59
C LYS A 127 15.89 11.92 -5.90
N ALA A 128 16.66 12.64 -6.72
CA ALA A 128 16.24 13.97 -7.14
C ALA A 128 15.13 13.90 -8.18
N ASN A 129 15.20 12.91 -9.09
CA ASN A 129 14.26 12.88 -10.22
C ASN A 129 12.84 12.54 -9.78
N PHE A 130 12.68 11.78 -8.70
CA PHE A 130 11.34 11.48 -8.17
C PHE A 130 10.62 12.75 -7.74
N THR A 131 11.34 13.66 -7.07
CA THR A 131 10.74 14.93 -6.67
C THR A 131 10.32 15.72 -7.89
N LEU A 132 11.20 15.80 -8.90
CA LEU A 132 10.88 16.52 -10.13
C LEU A 132 9.68 15.90 -10.84
N LEU A 133 9.63 14.56 -10.89
CA LEU A 133 8.50 13.89 -11.52
C LEU A 133 7.18 14.25 -10.85
N LEU A 134 7.12 14.15 -9.51
CA LEU A 134 5.88 14.43 -8.80
C LEU A 134 5.50 15.90 -8.92
N ARG A 135 6.49 16.80 -8.88
CA ARG A 135 6.20 18.22 -9.06
C ARG A 135 5.55 18.46 -10.43
N THR A 136 6.11 17.84 -11.48
CA THR A 136 5.59 18.05 -12.81
C THR A 136 4.20 17.45 -12.97
N MET A 137 3.97 16.28 -12.38
CA MET A 137 2.66 15.66 -12.45
C MET A 137 1.63 16.48 -11.67
N ARG A 138 2.01 16.98 -10.49
CA ARG A 138 1.10 17.83 -9.73
C ARG A 138 0.77 19.11 -10.49
N GLU A 139 1.78 19.72 -11.12
CA GLU A 139 1.53 20.92 -11.91
C GLU A 139 0.50 20.67 -13.00
N ALA A 140 0.64 19.55 -13.72
CA ALA A 140 -0.27 19.25 -14.83
C ALA A 140 -1.67 18.93 -14.33
N LEU A 141 -1.76 18.15 -13.24
CA LEU A 141 -3.07 17.82 -12.69
C LEU A 141 -3.77 19.06 -12.14
N ASP A 142 -3.02 19.99 -11.54
CA ASP A 142 -3.62 21.22 -11.06
C ASP A 142 -4.11 22.08 -12.22
N ARG A 143 -3.36 22.14 -13.31
CA ARG A 143 -3.84 22.87 -14.47
C ARG A 143 -5.14 22.28 -15.01
N GLN A 144 -5.24 20.95 -15.03
CA GLN A 144 -6.49 20.33 -15.48
C GLN A 144 -7.62 20.59 -14.49
N GLY A 145 -7.31 20.57 -13.19
CA GLY A 145 -8.31 20.92 -12.20
C GLY A 145 -8.78 22.36 -12.32
N GLU A 146 -7.90 23.26 -12.73
CA GLU A 146 -8.33 24.63 -12.99
C GLU A 146 -9.32 24.67 -14.14
N ARG A 147 -9.02 23.96 -15.23
CA ARG A 147 -9.94 23.94 -16.37
C ARG A 147 -11.29 23.34 -15.97
N ASP A 148 -11.27 22.30 -15.17
CA ASP A 148 -12.47 21.54 -14.85
C ASP A 148 -13.18 22.02 -13.59
N GLY A 149 -12.66 23.07 -12.95
CA GLY A 149 -13.31 23.63 -11.78
C GLY A 149 -13.30 22.72 -10.57
N ARG A 150 -12.23 21.94 -10.38
CA ARG A 150 -12.22 20.95 -9.32
C ARG A 150 -10.78 20.64 -8.92
N HIS A 151 -10.65 19.81 -7.90
CA HIS A 151 -9.36 19.31 -7.44
C HIS A 151 -9.11 17.95 -8.06
N TYR A 152 -7.88 17.71 -8.50
CA TYR A 152 -7.42 16.38 -8.86
C TYR A 152 -6.34 15.98 -7.86
N TRP A 153 -6.32 14.69 -7.52
CA TRP A 153 -5.48 14.16 -6.44
C TRP A 153 -4.18 13.56 -6.98
N LEU A 154 -3.13 13.65 -6.16
CA LEU A 154 -1.88 12.95 -6.43
C LEU A 154 -1.38 12.39 -5.11
N THR A 155 -1.19 11.08 -5.05
CA THR A 155 -0.66 10.42 -3.87
C THR A 155 0.45 9.48 -4.31
N ILE A 156 1.15 8.89 -3.34
CA ILE A 156 2.11 7.84 -3.61
C ILE A 156 1.89 6.72 -2.62
N ALA A 157 2.34 5.54 -2.99
CA ALA A 157 2.58 4.46 -2.04
C ALA A 157 4.09 4.35 -1.84
N ALA A 158 4.50 4.39 -0.58
CA ALA A 158 5.91 4.44 -0.23
C ALA A 158 6.34 3.19 0.53
N GLY A 159 7.58 2.77 0.30
CA GLY A 159 8.17 1.73 1.11
C GLY A 159 8.35 2.17 2.54
N ALA A 160 8.32 1.20 3.46
CA ALA A 160 8.16 1.54 4.87
C ALA A 160 9.47 1.79 5.62
N ASP A 161 10.59 1.29 5.14
CA ASP A 161 11.79 1.21 5.94
C ASP A 161 12.80 2.27 5.51
N GLN A 162 13.96 2.24 6.17
CA GLN A 162 14.98 3.27 6.00
C GLN A 162 15.40 3.42 4.54
N TYR A 163 15.49 2.31 3.80
CA TYR A 163 15.91 2.40 2.40
C TYR A 163 15.09 3.44 1.64
N TYR A 164 13.79 3.53 1.93
CA TYR A 164 12.93 4.40 1.12
C TYR A 164 13.23 5.86 1.40
N ILE A 165 13.44 6.20 2.68
CA ILE A 165 13.87 7.54 3.07
C ILE A 165 15.18 7.88 2.38
N ASP A 166 16.12 6.92 2.35
CA ASP A 166 17.43 7.17 1.78
C ASP A 166 17.38 7.36 0.27
N GLY A 167 16.35 6.85 -0.39
CA GLY A 167 16.23 6.99 -1.84
C GLY A 167 15.32 8.10 -2.30
N THR A 168 14.82 8.93 -1.40
CA THR A 168 13.88 9.99 -1.75
C THR A 168 14.20 11.26 -0.95
N GLU A 169 13.49 12.33 -1.29
CA GLU A 169 13.55 13.61 -0.59
C GLU A 169 12.16 13.90 -0.02
N MET A 170 11.79 13.19 1.05
CA MET A 170 10.39 13.15 1.45
C MET A 170 9.88 14.52 1.89
N ALA A 171 10.75 15.37 2.45
CA ALA A 171 10.30 16.70 2.86
C ALA A 171 9.86 17.53 1.65
N GLU A 172 10.49 17.30 0.49
CA GLU A 172 10.08 17.96 -0.74
C GLU A 172 8.92 17.22 -1.39
N VAL A 173 9.03 15.89 -1.49
CA VAL A 173 8.01 15.05 -2.11
C VAL A 173 6.62 15.36 -1.55
N GLN A 174 6.52 15.45 -0.22
CA GLN A 174 5.21 15.53 0.42
C GLN A 174 4.43 16.77 -0.02
N ARG A 175 5.15 17.84 -0.39
CA ARG A 175 4.48 19.10 -0.73
C ARG A 175 3.54 18.95 -1.92
N TYR A 176 3.79 17.99 -2.80
CA TYR A 176 3.00 17.82 -4.01
C TYR A 176 1.89 16.80 -3.87
N LEU A 177 1.74 16.19 -2.70
CA LEU A 177 0.86 15.05 -2.52
C LEU A 177 -0.29 15.37 -1.55
N ASP A 178 -1.46 14.82 -1.85
CA ASP A 178 -2.58 14.91 -0.90
C ASP A 178 -2.28 14.09 0.34
N PHE A 179 -1.71 12.90 0.16
CA PHE A 179 -1.22 12.12 1.27
C PHE A 179 -0.19 11.11 0.77
N VAL A 180 0.52 10.53 1.72
CA VAL A 180 1.53 9.50 1.50
C VAL A 180 1.03 8.22 2.14
N GLN A 181 0.87 7.17 1.33
CA GLN A 181 0.46 5.87 1.85
C GLN A 181 1.69 5.05 2.18
N LEU A 182 1.91 4.76 3.45
CA LEU A 182 3.04 3.94 3.85
C LEU A 182 2.65 2.48 3.72
N MET A 183 3.39 1.74 2.88
CA MET A 183 3.10 0.33 2.67
C MET A 183 3.68 -0.46 3.85
N THR A 184 2.99 -0.35 4.99
CA THR A 184 3.40 -1.05 6.22
C THR A 184 2.91 -2.50 6.20
N TYR A 185 3.31 -3.19 5.13
CA TYR A 185 3.08 -4.61 4.93
C TYR A 185 4.21 -5.11 4.03
N ASP A 186 4.35 -6.44 3.95
CA ASP A 186 5.54 -7.05 3.35
C ASP A 186 6.82 -6.50 4.00
N MET A 187 6.73 -6.04 5.25
CA MET A 187 7.90 -5.43 5.89
C MET A 187 8.97 -6.46 6.19
N ARG A 188 8.55 -7.71 6.35
CA ARG A 188 9.39 -8.89 6.36
C ARG A 188 8.75 -9.85 5.37
N GLY A 189 9.54 -10.34 4.42
CA GLY A 189 8.96 -11.12 3.35
C GLY A 189 10.01 -11.77 2.47
N GLY A 190 10.02 -11.44 1.19
CA GLY A 190 10.78 -12.21 0.22
C GLY A 190 12.28 -12.02 0.25
N PHE A 191 12.78 -11.08 1.05
CA PHE A 191 14.22 -10.85 1.13
C PHE A 191 14.85 -11.39 2.41
N GLN A 192 14.09 -11.98 3.32
CA GLN A 192 14.66 -12.48 4.55
C GLN A 192 14.20 -13.89 4.86
N THR A 193 15.11 -14.67 5.46
CA THR A 193 14.82 -16.03 5.87
C THR A 193 14.48 -16.11 7.35
N LEU A 194 14.52 -15.00 8.08
CA LEU A 194 14.09 -14.98 9.47
C LEU A 194 12.59 -14.70 9.52
N THR A 195 11.86 -15.49 10.30
CA THR A 195 10.43 -15.24 10.42
C THR A 195 10.18 -13.99 11.25
N GLY A 196 9.02 -13.38 11.02
CA GLY A 196 8.59 -12.25 11.81
C GLY A 196 7.28 -11.73 11.25
N HIS A 197 6.84 -10.62 11.82
CA HIS A 197 5.54 -10.05 11.44
C HIS A 197 5.70 -9.18 10.21
N HIS A 198 4.85 -9.38 9.20
CA HIS A 198 4.99 -8.60 7.97
C HIS A 198 4.27 -7.28 8.01
N THR A 199 3.34 -7.10 8.93
CA THR A 199 2.49 -5.91 8.96
C THR A 199 2.23 -5.47 10.40
N ASN A 200 3.27 -5.53 11.22
CA ASN A 200 3.15 -5.31 12.66
C ASN A 200 3.06 -3.84 13.04
N LEU A 201 2.11 -3.54 13.94
CA LEU A 201 1.98 -2.18 14.46
C LEU A 201 3.25 -1.74 15.20
N TYR A 202 3.76 -2.56 16.12
CA TYR A 202 4.94 -2.16 16.90
C TYR A 202 6.08 -3.17 16.72
N THR A 203 7.30 -2.69 16.94
CA THR A 203 8.48 -3.54 16.88
C THR A 203 8.57 -4.40 18.13
N GLY A 204 8.90 -5.67 17.94
CA GLY A 204 8.98 -6.62 19.04
C GLY A 204 10.39 -6.87 19.53
N THR A 205 10.52 -7.17 20.82
CA THR A 205 11.80 -7.51 21.41
C THR A 205 12.29 -8.84 20.84
N GLY A 206 13.59 -8.89 20.54
CA GLY A 206 14.19 -10.11 20.04
C GLY A 206 14.17 -10.29 18.53
N ASP A 207 13.62 -9.34 17.78
CA ASP A 207 13.63 -9.37 16.32
C ASP A 207 14.88 -8.64 15.81
N LEU A 208 15.69 -9.33 14.99
CA LEU A 208 16.85 -8.67 14.39
C LEU A 208 16.45 -7.54 13.47
N PHE A 209 15.25 -7.61 12.90
CA PHE A 209 14.71 -6.58 12.02
C PHE A 209 13.81 -5.69 12.86
N ARG A 210 13.97 -4.36 12.72
CA ARG A 210 13.41 -3.43 13.69
C ARG A 210 12.25 -2.59 13.15
N ILE A 211 11.78 -2.87 11.94
CA ILE A 211 10.71 -2.06 11.35
C ILE A 211 9.34 -2.49 11.87
N SER A 212 8.39 -1.56 11.77
CA SER A 212 7.01 -1.73 12.22
C SER A 212 6.25 -0.51 11.69
N VAL A 213 4.92 -0.53 11.82
CA VAL A 213 4.13 0.66 11.51
C VAL A 213 4.66 1.86 12.31
N ASP A 214 4.81 1.67 13.62
CA ASP A 214 5.24 2.75 14.49
C ASP A 214 6.62 3.28 14.09
N ALA A 215 7.56 2.37 13.83
CA ALA A 215 8.90 2.81 13.43
C ALA A 215 8.88 3.50 12.08
N SER A 216 8.04 3.03 11.16
CA SER A 216 7.93 3.63 9.84
C SER A 216 7.36 5.04 9.91
N VAL A 217 6.25 5.21 10.64
CA VAL A 217 5.66 6.53 10.84
C VAL A 217 6.71 7.49 11.42
N ASN A 218 7.43 7.04 12.44
CA ASN A 218 8.47 7.87 13.03
C ASN A 218 9.53 8.27 12.00
N LEU A 219 9.95 7.32 11.14
CA LEU A 219 10.93 7.65 10.11
C LEU A 219 10.41 8.74 9.17
N PHE A 220 9.16 8.59 8.72
CA PHE A 220 8.63 9.55 7.76
C PHE A 220 8.34 10.90 8.40
N VAL A 221 7.88 10.92 9.65
CA VAL A 221 7.71 12.19 10.35
C VAL A 221 9.04 12.91 10.47
N ARG A 222 10.08 12.19 10.90
CA ARG A 222 11.40 12.79 11.04
C ARG A 222 11.97 13.23 9.71
N ALA A 223 11.57 12.59 8.62
CA ALA A 223 11.98 12.98 7.29
C ALA A 223 11.22 14.18 6.76
N GLY A 224 10.17 14.61 7.46
CA GLY A 224 9.46 15.83 7.10
C GLY A 224 8.07 15.66 6.51
N VAL A 225 7.45 14.49 6.62
CA VAL A 225 6.08 14.28 6.16
C VAL A 225 5.15 14.68 7.29
N PRO A 226 4.22 15.61 7.08
CA PRO A 226 3.27 15.96 8.15
C PRO A 226 2.41 14.77 8.53
N LYS A 227 2.13 14.65 9.83
CA LYS A 227 1.31 13.53 10.30
C LYS A 227 -0.03 13.48 9.59
N GLU A 228 -0.64 14.64 9.34
CA GLU A 228 -1.96 14.68 8.71
C GLU A 228 -1.94 14.17 7.28
N LYS A 229 -0.76 13.90 6.71
CA LYS A 229 -0.65 13.31 5.39
C LYS A 229 -0.27 11.82 5.40
N ILE A 230 -0.12 11.20 6.56
CA ILE A 230 0.36 9.82 6.63
C ILE A 230 -0.82 8.87 6.72
N VAL A 231 -0.92 7.97 5.76
CA VAL A 231 -1.90 6.89 5.74
C VAL A 231 -1.12 5.59 5.93
N ILE A 232 -1.45 4.81 6.96
CA ILE A 232 -0.73 3.57 7.21
C ILE A 232 -1.38 2.39 6.49
N GLY A 233 -0.72 1.24 6.50
CA GLY A 233 -1.15 0.09 5.69
C GLY A 233 -1.59 -1.10 6.51
N ALA A 234 -2.64 -1.75 6.03
CA ALA A 234 -3.13 -3.03 6.53
C ALA A 234 -3.15 -4.03 5.39
N ALA A 235 -2.89 -5.29 5.72
CA ALA A 235 -2.77 -6.34 4.71
C ALA A 235 -3.90 -7.34 4.92
N PHE A 236 -4.62 -7.63 3.84
CA PHE A 236 -5.65 -8.66 3.85
C PHE A 236 -5.10 -10.03 3.43
N TYR A 237 -3.81 -10.28 3.67
CA TYR A 237 -3.15 -11.52 3.24
C TYR A 237 -1.95 -11.73 4.13
N SER A 238 -1.34 -12.91 4.01
CA SER A 238 -0.25 -13.30 4.88
C SER A 238 1.09 -13.40 4.16
N ARG A 239 2.16 -13.40 4.96
CA ARG A 239 3.48 -13.83 4.53
C ARG A 239 3.81 -15.11 5.28
N MET A 240 4.55 -16.01 4.65
CA MET A 240 4.68 -17.37 5.18
C MET A 240 6.10 -17.89 4.97
N TRP A 241 6.65 -18.51 6.01
CA TRP A 241 7.94 -19.18 5.93
C TRP A 241 7.76 -20.67 6.19
N LYS A 242 8.56 -21.48 5.49
CA LYS A 242 8.43 -22.93 5.54
C LYS A 242 9.62 -23.56 6.25
N ASP A 243 9.36 -24.73 6.85
CA ASP A 243 10.41 -25.59 7.42
C ASP A 243 11.22 -24.85 8.49
N VAL A 244 10.50 -24.25 9.43
CA VAL A 244 11.16 -23.49 10.48
C VAL A 244 11.21 -24.32 11.76
N PRO A 245 12.29 -24.20 12.54
CA PRO A 245 12.40 -24.98 13.78
C PRO A 245 11.24 -24.71 14.73
N ASN A 246 10.83 -25.75 15.46
CA ASN A 246 9.74 -25.64 16.42
C ASN A 246 10.27 -25.07 17.74
N VAL A 247 10.61 -23.79 17.69
CA VAL A 247 11.18 -23.06 18.81
C VAL A 247 10.49 -21.70 18.87
N ASN A 248 10.12 -21.24 20.06
CA ASN A 248 9.54 -19.91 20.23
C ASN A 248 8.28 -19.73 19.38
N ARG A 249 7.51 -20.80 19.20
CA ARG A 249 6.27 -20.77 18.40
C ARG A 249 6.53 -20.32 16.97
N GLY A 250 7.72 -20.62 16.46
CA GLY A 250 8.08 -20.28 15.09
C GLY A 250 8.56 -18.86 14.88
N LEU A 251 8.52 -17.99 15.89
CA LEU A 251 8.79 -16.57 15.75
C LEU A 251 10.28 -16.29 15.90
N TYR A 252 10.83 -15.58 14.92
CA TYR A 252 12.26 -15.22 14.92
C TYR A 252 13.15 -16.46 14.76
N GLN A 253 12.71 -17.38 13.90
CA GLN A 253 13.42 -18.60 13.56
C GLN A 253 13.87 -18.53 12.10
N MET A 254 14.90 -19.32 11.79
CA MET A 254 15.48 -19.30 10.45
C MET A 254 14.85 -20.39 9.60
N SER A 255 14.34 -19.99 8.43
CA SER A 255 13.85 -20.86 7.38
C SER A 255 14.94 -21.05 6.32
N PRO A 256 14.92 -22.17 5.59
CA PRO A 256 15.80 -22.29 4.42
C PRO A 256 15.48 -21.31 3.30
N GLY A 257 14.25 -20.79 3.27
CA GLY A 257 13.83 -19.90 2.21
C GLY A 257 13.24 -18.62 2.80
N SER A 258 12.89 -17.71 1.89
CA SER A 258 12.36 -16.42 2.33
C SER A 258 10.87 -16.51 2.63
N GLY A 259 10.30 -15.39 3.07
CA GLY A 259 8.89 -15.34 3.38
C GLY A 259 8.07 -14.98 2.16
N GLY A 260 7.59 -16.01 1.47
CA GLY A 260 6.76 -15.78 0.31
C GLY A 260 5.35 -15.44 0.71
N TYR A 261 4.51 -15.22 -0.29
CA TYR A 261 3.10 -15.01 0.01
C TYR A 261 2.51 -16.26 0.64
N GLY A 262 1.70 -16.05 1.66
CA GLY A 262 0.92 -17.10 2.23
C GLY A 262 -0.52 -16.97 1.77
N PRO A 263 -1.41 -17.69 2.45
CA PRO A 263 -2.83 -17.60 2.09
C PRO A 263 -3.38 -16.19 2.29
N ASP A 264 -4.36 -15.83 1.47
CA ASP A 264 -5.09 -14.60 1.75
C ASP A 264 -6.00 -14.80 2.95
N PHE A 265 -6.62 -13.71 3.41
CA PHE A 265 -7.43 -13.82 4.62
C PHE A 265 -8.61 -14.78 4.43
N THR A 266 -9.21 -14.80 3.23
CA THR A 266 -10.26 -15.79 2.95
C THR A 266 -9.78 -17.19 3.29
N GLU A 267 -8.61 -17.56 2.76
CA GLU A 267 -8.08 -18.90 2.95
C GLU A 267 -7.60 -19.13 4.38
N LEU A 268 -7.05 -18.10 5.02
CA LEU A 268 -6.66 -18.24 6.42
C LEU A 268 -7.86 -18.55 7.30
N ALA A 269 -8.95 -17.80 7.10
CA ALA A 269 -10.15 -18.05 7.88
C ALA A 269 -10.71 -19.45 7.60
N ALA A 270 -10.62 -19.90 6.35
CA ALA A 270 -11.23 -21.18 5.98
C ALA A 270 -10.40 -22.37 6.41
N GLU A 271 -9.07 -22.27 6.35
CA GLU A 271 -8.21 -23.44 6.39
C GLU A 271 -7.11 -23.40 7.44
N TYR A 272 -6.78 -22.23 8.00
CA TYR A 272 -5.55 -22.16 8.81
C TYR A 272 -5.75 -21.69 10.23
N ILE A 273 -6.60 -20.69 10.46
CA ILE A 273 -6.67 -20.08 11.79
C ILE A 273 -7.29 -21.09 12.75
N ASP A 274 -6.49 -21.55 13.72
CA ASP A 274 -6.92 -22.56 14.69
C ASP A 274 -7.53 -23.79 14.02
N ARG A 275 -6.88 -24.26 12.97
CA ARG A 275 -7.37 -25.38 12.18
C ARG A 275 -6.17 -26.08 11.54
N ASN A 276 -6.35 -27.38 11.25
CA ASN A 276 -5.36 -28.16 10.49
C ASN A 276 -3.98 -28.17 11.17
N GLY A 277 -3.96 -28.08 12.49
CA GLY A 277 -2.73 -28.11 13.24
C GLY A 277 -2.13 -26.74 13.52
N PHE A 278 -2.64 -25.70 12.90
CA PHE A 278 -2.11 -24.35 13.09
C PHE A 278 -2.77 -23.71 14.30
N VAL A 279 -1.96 -23.20 15.21
CA VAL A 279 -2.43 -22.50 16.39
C VAL A 279 -2.24 -21.01 16.20
N ARG A 280 -3.28 -20.23 16.51
CA ARG A 280 -3.15 -18.78 16.51
C ARG A 280 -2.55 -18.28 17.82
N TYR A 281 -1.50 -17.48 17.71
CA TYR A 281 -0.89 -16.79 18.83
C TYR A 281 -1.04 -15.29 18.63
N TRP A 282 -1.05 -14.56 19.74
CA TRP A 282 -1.11 -13.11 19.73
C TRP A 282 0.16 -12.57 20.33
N ASP A 283 0.85 -11.70 19.58
CA ASP A 283 2.04 -11.01 20.07
C ASP A 283 1.57 -9.72 20.73
N GLU A 284 1.56 -9.70 22.06
CA GLU A 284 1.07 -8.55 22.82
C GLU A 284 1.97 -7.34 22.69
N GLU A 285 3.24 -7.52 22.30
CA GLU A 285 4.08 -6.35 22.12
C GLU A 285 3.89 -5.74 20.74
N ALA A 286 3.94 -6.58 19.70
CA ALA A 286 3.81 -6.07 18.35
C ALA A 286 2.36 -5.71 18.01
N LYS A 287 1.40 -6.23 18.78
CA LYS A 287 -0.02 -6.17 18.45
C LYS A 287 -0.33 -6.86 17.12
N ALA A 288 0.15 -8.09 16.97
CA ALA A 288 0.01 -8.82 15.72
C ALA A 288 -0.29 -10.30 15.96
N PRO A 289 -1.18 -10.89 15.16
CA PRO A 289 -1.41 -12.33 15.25
C PRO A 289 -0.49 -13.11 14.32
N TYR A 290 -0.26 -14.37 14.69
CA TYR A 290 0.53 -15.26 13.86
C TYR A 290 0.07 -16.70 14.07
N LEU A 291 0.33 -17.54 13.08
CA LEU A 291 -0.05 -18.96 13.12
C LEU A 291 1.20 -19.81 13.04
N PHE A 292 1.21 -20.92 13.77
CA PHE A 292 2.31 -21.87 13.70
C PHE A 292 1.77 -23.26 13.97
N ASP A 293 2.22 -24.24 13.19
CA ASP A 293 1.83 -25.63 13.38
C ASP A 293 3.00 -26.51 13.78
N GLY A 294 4.14 -25.91 14.12
CA GLY A 294 5.36 -26.64 14.41
C GLY A 294 6.40 -26.60 13.31
N GLN A 295 6.03 -26.11 12.11
CA GLN A 295 6.90 -26.16 10.95
C GLN A 295 6.69 -24.97 10.01
N THR A 296 5.44 -24.52 9.88
CA THR A 296 5.08 -23.45 8.95
C THR A 296 4.59 -22.25 9.75
N PHE A 297 5.21 -21.09 9.52
CA PHE A 297 4.91 -19.86 10.24
C PHE A 297 4.20 -18.88 9.30
N ILE A 298 3.10 -18.30 9.78
CA ILE A 298 2.25 -17.42 8.97
C ILE A 298 2.00 -16.13 9.74
N SER A 299 2.31 -14.99 9.11
CA SER A 299 2.07 -13.67 9.67
C SER A 299 0.93 -13.00 8.92
N TYR A 300 0.02 -12.33 9.64
CA TYR A 300 -1.14 -11.74 8.97
C TYR A 300 -1.71 -10.62 9.83
N ASP A 301 -2.71 -9.93 9.27
CA ASP A 301 -3.53 -8.94 9.97
C ASP A 301 -4.92 -9.54 10.21
N ASP A 302 -5.51 -9.22 11.36
CA ASP A 302 -6.89 -9.63 11.58
C ASP A 302 -7.71 -8.48 12.15
N GLU A 303 -8.94 -8.73 12.59
CA GLU A 303 -9.74 -7.65 13.14
C GLU A 303 -9.10 -7.06 14.40
N MET A 304 -8.37 -7.89 15.15
CA MET A 304 -7.74 -7.43 16.39
C MET A 304 -6.58 -6.46 16.10
N SER A 305 -5.67 -6.86 15.19
CA SER A 305 -4.57 -5.96 14.86
C SER A 305 -5.06 -4.71 14.13
N ILE A 306 -6.10 -4.85 13.29
CA ILE A 306 -6.67 -3.69 12.63
C ILE A 306 -7.24 -2.70 13.64
N ARG A 307 -7.96 -3.18 14.67
CA ARG A 307 -8.45 -2.24 15.68
C ARG A 307 -7.30 -1.50 16.34
N TYR A 308 -6.22 -2.22 16.67
CA TYR A 308 -5.07 -1.54 17.25
C TYR A 308 -4.48 -0.51 16.29
N LYS A 309 -4.43 -0.82 15.01
CA LYS A 309 -3.92 0.13 14.02
C LYS A 309 -4.80 1.37 13.95
N CYS A 310 -6.13 1.19 14.02
CA CYS A 310 -7.05 2.33 13.99
C CYS A 310 -6.91 3.20 15.23
N ASP A 311 -6.81 2.58 16.41
CA ASP A 311 -6.59 3.35 17.64
C ASP A 311 -5.30 4.15 17.56
N TYR A 312 -4.26 3.57 16.96
CA TYR A 312 -2.99 4.28 16.79
C TYR A 312 -3.14 5.47 15.88
N VAL A 313 -3.89 5.32 14.78
CA VAL A 313 -4.13 6.43 13.87
C VAL A 313 -4.81 7.59 14.60
N LYS A 314 -5.80 7.27 15.43
CA LYS A 314 -6.53 8.30 16.16
C LYS A 314 -5.64 8.97 17.20
N ALA A 315 -4.90 8.16 17.98
CA ALA A 315 -4.09 8.72 19.05
C ALA A 315 -2.95 9.57 18.51
N GLN A 316 -2.36 9.15 17.39
CA GLN A 316 -1.22 9.84 16.80
C GLN A 316 -1.63 10.89 15.78
N GLU A 317 -2.94 11.00 15.49
CA GLU A 317 -3.48 12.02 14.62
C GLU A 317 -2.95 11.89 13.19
N LEU A 318 -2.94 10.65 12.70
CA LEU A 318 -2.56 10.38 11.33
C LEU A 318 -3.78 10.55 10.41
N ALA A 319 -3.57 10.37 9.11
CA ALA A 319 -4.63 10.62 8.15
C ALA A 319 -5.64 9.47 8.07
N GLY A 320 -5.19 8.24 8.22
CA GLY A 320 -6.08 7.10 8.06
C GLY A 320 -5.31 5.84 7.70
N VAL A 321 -6.02 4.91 7.06
CA VAL A 321 -5.51 3.57 6.78
C VAL A 321 -5.87 3.20 5.35
N MET A 322 -4.95 2.50 4.68
CA MET A 322 -5.24 1.87 3.40
C MET A 322 -4.99 0.37 3.51
N PHE A 323 -5.55 -0.39 2.57
CA PHE A 323 -5.37 -1.83 2.60
C PHE A 323 -5.11 -2.40 1.21
N TRP A 324 -4.33 -3.48 1.19
CA TRP A 324 -4.13 -4.33 0.02
C TRP A 324 -4.63 -5.72 0.41
N GLU A 325 -5.60 -6.27 -0.32
CA GLU A 325 -6.35 -5.69 -1.43
C GLU A 325 -7.79 -6.22 -1.29
N TYR A 326 -8.77 -5.53 -1.89
CA TYR A 326 -10.19 -5.80 -1.67
C TYR A 326 -10.55 -7.27 -1.82
N GLY A 327 -10.09 -7.92 -2.88
CA GLY A 327 -10.43 -9.30 -3.18
C GLY A 327 -9.82 -10.35 -2.30
N CYS A 328 -8.90 -9.97 -1.41
CA CYS A 328 -8.20 -10.93 -0.57
C CYS A 328 -9.02 -11.37 0.64
N ASP A 329 -10.14 -10.71 0.92
CA ASP A 329 -10.98 -11.06 2.07
C ASP A 329 -12.43 -11.12 1.63
N ARG A 330 -12.87 -12.30 1.21
CA ARG A 330 -14.27 -12.50 0.86
C ARG A 330 -15.17 -12.68 2.07
N THR A 331 -14.62 -12.76 3.29
CA THR A 331 -15.45 -12.74 4.48
C THR A 331 -15.99 -11.34 4.79
N HIS A 332 -15.42 -10.30 4.19
CA HIS A 332 -15.80 -8.90 4.37
C HIS A 332 -15.52 -8.37 5.77
N ARG A 333 -14.93 -9.17 6.65
CA ARG A 333 -14.77 -8.77 8.05
C ARG A 333 -13.68 -7.71 8.22
N LEU A 334 -12.62 -7.76 7.41
CA LEU A 334 -11.50 -6.86 7.64
C LEU A 334 -11.83 -5.43 7.24
N LEU A 335 -12.54 -5.25 6.13
CA LEU A 335 -13.02 -3.92 5.78
C LEU A 335 -14.01 -3.40 6.81
N ASP A 336 -14.90 -4.26 7.31
CA ASP A 336 -15.81 -3.82 8.37
C ASP A 336 -15.05 -3.36 9.61
N ALA A 337 -14.02 -4.11 10.01
CA ALA A 337 -13.23 -3.73 11.18
C ALA A 337 -12.55 -2.39 10.97
N LEU A 338 -12.03 -2.13 9.77
CA LEU A 338 -11.41 -0.85 9.47
C LEU A 338 -12.43 0.27 9.53
N TYR A 339 -13.59 0.07 8.90
CA TYR A 339 -14.65 1.07 8.91
C TYR A 339 -15.11 1.40 10.32
N GLN A 340 -15.31 0.37 11.16
CA GLN A 340 -15.74 0.60 12.53
C GLN A 340 -14.67 1.30 13.34
N GLY A 341 -13.40 0.97 13.10
CA GLY A 341 -12.32 1.52 13.91
C GLY A 341 -12.02 2.97 13.63
N LEU A 342 -12.49 3.51 12.50
CA LEU A 342 -12.16 4.89 12.14
C LEU A 342 -13.40 5.78 12.08
#